data_5NBX
#
_entry.id   5NBX
#
_cell.length_a   90.214
_cell.length_b   131.615
_cell.length_c   35.704
_cell.angle_alpha   90.00
_cell.angle_beta   90.00
_cell.angle_gamma   90.00
#
_symmetry.space_group_name_H-M   'C 2 2 2'
#
loop_
_entity.id
_entity.type
_entity.pdbx_description
1 polymer 'Protein enabled homolog'
2 polymer ACY-2L5-PRO-PRO-8SN
3 non-polymer 'BROMIDE ION'
4 water water
#
loop_
_entity_poly.entity_id
_entity_poly.type
_entity_poly.pdbx_seq_one_letter_code
_entity_poly.pdbx_strand_id
1 'polypeptide(L)'
;GSMSEQSICQARAAVMVYDDANKKWVPAGGSTGFSRVHIYHHTGNNTFRVVGRKIQDHQVVINCAIPKGLKYNQATQTFH
QWRDARQVYGLNFGSKEDANVFASAMMHALEVL
;
A,B
2 'polypeptide(L)' (ACE)(2L5)PP(8SN) C,D
#
loop_
_chem_comp.id
_chem_comp.type
_chem_comp.name
_chem_comp.formula
8SN non-polymer '(3~{S},7~{R},10~{R},11~{R},13~{S})-11-methyl-2-oxidanylidene-1,4-diazatricyclo[8.3.0.0^{3,7}]tridec-8-ene-13-carboxylic acid' 'C13 H18 N2 O3'
ACE non-polymer 'ACETYL GROUP' 'C2 H4 O'
BR non-polymer 'BROMIDE ION' 'Br -1'
#
# COMPACT_ATOMS: atom_id res chain seq x y z
N GLU A 5 -18.67 -14.82 8.55
CA GLU A 5 -18.47 -13.60 7.75
C GLU A 5 -19.81 -13.02 7.28
N GLN A 6 -19.95 -11.71 7.38
CA GLN A 6 -21.18 -11.00 7.06
C GLN A 6 -20.87 -9.75 6.25
N SER A 7 -21.70 -9.48 5.25
CA SER A 7 -21.60 -8.24 4.48
C SER A 7 -22.16 -7.09 5.32
N ILE A 8 -21.36 -6.05 5.54
CA ILE A 8 -21.82 -4.92 6.34
C ILE A 8 -22.25 -3.77 5.46
N CYS A 9 -21.92 -3.79 4.18
N CYS A 9 -21.96 -3.82 4.17
CA CYS A 9 -22.41 -2.80 3.24
CA CYS A 9 -22.27 -2.74 3.26
C CYS A 9 -22.13 -3.32 1.84
C CYS A 9 -22.01 -3.23 1.83
N GLN A 10 -22.77 -2.70 0.87
CA GLN A 10 -22.50 -2.97 -0.53
C GLN A 10 -22.87 -1.78 -1.39
N ALA A 11 -22.16 -1.64 -2.48
CA ALA A 11 -22.39 -0.54 -3.40
C ALA A 11 -22.00 -0.98 -4.80
N ARG A 12 -22.62 -0.36 -5.79
N ARG A 12 -22.52 -0.26 -5.79
CA ARG A 12 -22.25 -0.62 -7.18
CA ARG A 12 -22.30 -0.55 -7.21
C ARG A 12 -21.07 0.27 -7.56
C ARG A 12 -21.17 0.32 -7.75
N ALA A 13 -20.10 -0.32 -8.26
CA ALA A 13 -18.94 0.42 -8.71
C ALA A 13 -18.21 -0.35 -9.79
N ALA A 14 -17.62 0.38 -10.72
CA ALA A 14 -16.67 -0.18 -11.68
C ALA A 14 -15.32 -0.25 -11.01
N VAL A 15 -14.81 -1.45 -10.82
CA VAL A 15 -13.57 -1.64 -10.07
C VAL A 15 -12.39 -1.51 -11.01
N MET A 16 -11.45 -0.66 -10.64
CA MET A 16 -10.28 -0.32 -11.43
C MET A 16 -9.01 -0.59 -10.62
N VAL A 17 -7.92 -0.86 -11.33
CA VAL A 17 -6.57 -0.90 -10.74
C VAL A 17 -5.65 -0.04 -11.58
N TYR A 18 -4.63 0.50 -10.92
CA TYR A 18 -3.74 1.43 -11.59
C TYR A 18 -2.57 0.69 -12.21
N ASP A 19 -2.33 0.97 -13.48
CA ASP A 19 -1.21 0.41 -14.20
C ASP A 19 -0.10 1.46 -14.15
N ASP A 20 0.78 1.32 -13.18
CA ASP A 20 1.74 2.41 -12.98
C ASP A 20 2.71 2.51 -14.15
N ALA A 21 3.07 1.39 -14.76
CA ALA A 21 4.00 1.44 -15.88
C ALA A 21 3.51 2.41 -16.94
N ASN A 22 2.22 2.34 -17.29
CA ASN A 22 1.63 3.19 -18.31
C ASN A 22 0.86 4.38 -17.74
N LYS A 23 0.85 4.55 -16.43
CA LYS A 23 0.17 5.69 -15.80
C LYS A 23 -1.30 5.74 -16.23
N LYS A 24 -1.98 4.61 -16.11
CA LYS A 24 -3.35 4.54 -16.58
C LYS A 24 -4.13 3.58 -15.69
N TRP A 25 -5.42 3.83 -15.56
CA TRP A 25 -6.33 2.93 -14.89
C TRP A 25 -6.88 1.89 -15.86
N VAL A 26 -6.99 0.66 -15.38
CA VAL A 26 -7.52 -0.42 -16.21
C VAL A 26 -8.56 -1.18 -15.41
N PRO A 27 -9.52 -1.81 -16.08
CA PRO A 27 -10.57 -2.52 -15.35
C PRO A 27 -10.05 -3.74 -14.61
N ALA A 28 -10.41 -3.85 -13.34
CA ALA A 28 -10.02 -5.01 -12.56
C ALA A 28 -10.65 -6.26 -13.17
N GLY A 29 -9.81 -7.28 -13.38
CA GLY A 29 -10.28 -8.55 -13.88
C GLY A 29 -10.34 -8.61 -15.39
N GLY A 30 -10.14 -7.50 -16.06
CA GLY A 30 -9.91 -7.47 -17.50
C GLY A 30 -10.98 -6.79 -18.34
N SER A 31 -12.21 -6.59 -17.82
CA SER A 31 -13.23 -6.00 -18.66
C SER A 31 -14.03 -4.99 -17.85
N THR A 32 -14.40 -3.89 -18.52
CA THR A 32 -15.04 -2.79 -17.84
C THR A 32 -16.51 -3.06 -17.58
N GLY A 33 -16.95 -2.78 -16.36
CA GLY A 33 -18.37 -2.90 -16.05
C GLY A 33 -18.59 -2.79 -14.56
N PHE A 34 -19.85 -2.73 -14.17
CA PHE A 34 -20.18 -2.55 -12.76
C PHE A 34 -20.13 -3.88 -12.01
N SER A 35 -19.63 -3.79 -10.79
CA SER A 35 -19.62 -4.88 -9.83
C SER A 35 -20.39 -4.48 -8.60
N ARG A 36 -20.85 -5.48 -7.87
CA ARG A 36 -21.35 -5.28 -6.52
CA ARG A 36 -21.35 -5.29 -6.52
C ARG A 36 -20.18 -5.43 -5.56
N VAL A 37 -19.86 -4.37 -4.85
CA VAL A 37 -18.68 -4.31 -4.00
C VAL A 37 -19.14 -4.27 -2.55
N HIS A 38 -18.72 -5.27 -1.79
CA HIS A 38 -19.08 -5.43 -0.39
C HIS A 38 -17.88 -5.17 0.51
N ILE A 39 -18.17 -4.76 1.74
CA ILE A 39 -17.23 -4.89 2.84
C ILE A 39 -17.77 -6.02 3.71
N TYR A 40 -16.94 -7.02 3.93
CA TYR A 40 -17.26 -8.17 4.76
C TYR A 40 -16.50 -8.09 6.07
N HIS A 41 -17.18 -8.45 7.15
CA HIS A 41 -16.59 -8.52 8.48
C HIS A 41 -16.59 -9.98 8.94
N HIS A 42 -15.42 -10.43 9.40
CA HIS A 42 -15.23 -11.76 9.96
C HIS A 42 -15.08 -11.67 11.47
N THR A 43 -16.01 -12.28 12.20
CA THR A 43 -15.89 -12.28 13.65
C THR A 43 -14.80 -13.24 14.12
N GLY A 44 -14.35 -13.05 15.35
CA GLY A 44 -13.33 -13.88 15.96
C GLY A 44 -12.01 -13.14 15.96
N ASN A 45 -11.49 -12.85 14.78
CA ASN A 45 -10.28 -12.06 14.64
C ASN A 45 -10.59 -10.62 14.31
N ASN A 46 -11.86 -10.28 14.11
CA ASN A 46 -12.24 -8.91 13.83
C ASN A 46 -11.49 -8.39 12.61
N THR A 47 -11.71 -9.02 11.45
CA THR A 47 -11.11 -8.57 10.20
C THR A 47 -12.18 -8.10 9.23
N PHE A 48 -11.77 -7.24 8.30
CA PHE A 48 -12.64 -6.72 7.25
C PHE A 48 -11.96 -6.94 5.91
N ARG A 49 -12.76 -7.11 4.85
CA ARG A 49 -12.21 -7.16 3.50
C ARG A 49 -13.22 -6.64 2.50
N VAL A 50 -12.71 -6.14 1.39
CA VAL A 50 -13.51 -5.70 0.26
C VAL A 50 -13.57 -6.83 -0.74
N VAL A 51 -14.76 -7.20 -1.17
CA VAL A 51 -14.96 -8.27 -2.14
C VAL A 51 -15.94 -7.75 -3.16
N GLY A 52 -15.59 -7.86 -4.42
CA GLY A 52 -16.42 -7.33 -5.49
C GLY A 52 -16.57 -8.34 -6.61
N ARG A 53 -17.79 -8.46 -7.10
CA ARG A 53 -18.16 -9.40 -8.16
C ARG A 53 -18.89 -8.67 -9.28
N LYS A 54 -18.48 -8.96 -10.51
CA LYS A 54 -19.12 -8.38 -11.68
C LYS A 54 -20.59 -8.77 -11.70
N ILE A 55 -21.45 -7.80 -11.94
CA ILE A 55 -22.88 -8.07 -11.97
C ILE A 55 -23.20 -9.06 -13.09
N GLN A 56 -22.54 -8.91 -14.23
CA GLN A 56 -22.86 -9.68 -15.43
C GLN A 56 -22.57 -11.18 -15.28
N ASP A 57 -21.41 -11.53 -14.76
CA ASP A 57 -20.96 -12.91 -14.79
C ASP A 57 -20.37 -13.36 -13.47
N HIS A 58 -20.49 -12.55 -12.42
CA HIS A 58 -20.05 -12.91 -11.08
C HIS A 58 -18.55 -13.11 -10.98
N GLN A 59 -17.75 -12.63 -11.94
CA GLN A 59 -16.31 -12.67 -11.77
C GLN A 59 -15.92 -11.88 -10.54
N VAL A 60 -15.09 -12.50 -9.70
CA VAL A 60 -14.49 -11.81 -8.57
C VAL A 60 -13.38 -10.93 -9.12
N VAL A 61 -13.54 -9.61 -8.98
CA VAL A 61 -12.60 -8.65 -9.52
C VAL A 61 -11.77 -7.98 -8.45
N ILE A 62 -12.13 -8.13 -7.17
CA ILE A 62 -11.37 -7.57 -6.07
C ILE A 62 -11.66 -8.40 -4.82
N ASN A 63 -10.62 -8.64 -4.05
CA ASN A 63 -10.71 -9.44 -2.82
C ASN A 63 -9.48 -9.03 -1.99
N CYS A 64 -9.61 -7.98 -1.21
N CYS A 64 -9.65 -8.00 -1.16
CA CYS A 64 -8.44 -7.50 -0.51
CA CYS A 64 -8.56 -7.24 -0.56
C CYS A 64 -8.80 -7.15 0.92
C CYS A 64 -8.81 -7.05 0.93
N ALA A 65 -7.80 -7.35 1.77
CA ALA A 65 -7.93 -7.08 3.19
C ALA A 65 -7.98 -5.59 3.46
N ILE A 66 -8.64 -5.23 4.55
CA ILE A 66 -8.64 -3.85 5.05
C ILE A 66 -7.82 -3.83 6.34
N PRO A 67 -6.55 -3.45 6.29
CA PRO A 67 -5.74 -3.42 7.50
C PRO A 67 -6.00 -2.16 8.33
N LYS A 68 -5.71 -2.27 9.63
CA LYS A 68 -5.82 -1.11 10.48
C LYS A 68 -4.95 0.01 9.91
N GLY A 69 -5.49 1.22 9.92
CA GLY A 69 -4.74 2.36 9.42
C GLY A 69 -4.78 2.57 7.92
N LEU A 70 -5.49 1.72 7.16
CA LEU A 70 -5.62 1.92 5.72
C LEU A 70 -6.05 3.35 5.44
N LYS A 71 -5.39 3.95 4.45
CA LYS A 71 -5.72 5.31 4.02
C LYS A 71 -6.64 5.22 2.82
N TYR A 72 -7.90 5.62 3.02
CA TYR A 72 -8.94 5.55 2.01
C TYR A 72 -9.12 6.96 1.47
N ASN A 73 -8.83 7.16 0.17
CA ASN A 73 -8.83 8.49 -0.44
C ASN A 73 -10.09 8.74 -1.27
N GLN A 74 -10.87 9.75 -0.91
CA GLN A 74 -12.05 10.14 -1.68
C GLN A 74 -11.60 11.18 -2.71
N ALA A 75 -11.07 10.68 -3.83
CA ALA A 75 -10.46 11.54 -4.84
C ALA A 75 -11.48 12.47 -5.46
N THR A 76 -12.67 11.94 -5.77
CA THR A 76 -13.78 12.71 -6.30
C THR A 76 -15.05 12.24 -5.61
N GLN A 77 -16.16 12.87 -5.96
CA GLN A 77 -17.44 12.48 -5.37
C GLN A 77 -17.82 11.06 -5.72
N THR A 78 -17.32 10.49 -6.80
CA THR A 78 -17.69 9.11 -7.13
C THR A 78 -16.51 8.21 -7.48
N PHE A 79 -15.28 8.63 -7.24
CA PHE A 79 -14.11 7.79 -7.44
C PHE A 79 -13.28 7.82 -6.17
N HIS A 80 -13.19 6.67 -5.51
CA HIS A 80 -12.43 6.52 -4.27
C HIS A 80 -11.34 5.48 -4.50
N GLN A 81 -10.28 5.53 -3.69
CA GLN A 81 -9.13 4.70 -3.98
C GLN A 81 -8.34 4.39 -2.70
N TRP A 82 -7.57 3.31 -2.75
CA TRP A 82 -6.65 2.94 -1.69
C TRP A 82 -5.60 2.03 -2.32
N ARG A 83 -4.56 1.70 -1.56
CA ARG A 83 -3.45 0.94 -2.11
C ARG A 83 -3.03 -0.20 -1.20
N ASP A 84 -2.32 -1.15 -1.78
CA ASP A 84 -1.44 -2.02 -1.03
C ASP A 84 -0.08 -2.06 -1.72
N ALA A 85 0.82 -2.91 -1.24
CA ALA A 85 2.19 -2.92 -1.77
C ALA A 85 2.20 -3.23 -3.25
N ARG A 86 1.26 -4.08 -3.71
CA ARG A 86 1.25 -4.56 -5.08
C ARG A 86 0.47 -3.67 -6.06
N GLN A 87 -0.62 -3.03 -5.63
CA GLN A 87 -1.40 -2.25 -6.57
C GLN A 87 -2.27 -1.23 -5.86
N VAL A 88 -2.80 -0.33 -6.66
CA VAL A 88 -3.74 0.70 -6.23
C VAL A 88 -5.10 0.34 -6.80
N TYR A 89 -6.11 0.38 -5.94
CA TYR A 89 -7.48 0.04 -6.27
C TYR A 89 -8.31 1.29 -6.41
N GLY A 90 -9.24 1.29 -7.36
CA GLY A 90 -10.13 2.41 -7.50
C GLY A 90 -11.56 1.96 -7.69
N LEU A 91 -12.50 2.63 -7.06
CA LEU A 91 -13.93 2.34 -7.23
C LEU A 91 -14.60 3.53 -7.90
N ASN A 92 -15.14 3.31 -9.11
CA ASN A 92 -15.86 4.33 -9.88
C ASN A 92 -17.34 4.02 -9.63
N PHE A 93 -17.92 4.70 -8.65
CA PHE A 93 -19.27 4.41 -8.20
C PHE A 93 -20.30 4.89 -9.19
N GLY A 94 -21.45 4.22 -9.17
CA GLY A 94 -22.57 4.58 -10.02
C GLY A 94 -23.31 5.82 -9.59
N SER A 95 -23.10 6.28 -8.36
CA SER A 95 -23.71 7.50 -7.88
C SER A 95 -22.94 8.01 -6.66
N LYS A 96 -23.19 9.28 -6.35
CA LYS A 96 -22.60 9.88 -5.18
C LYS A 96 -23.17 9.26 -3.92
N GLU A 97 -24.43 8.86 -3.95
CA GLU A 97 -25.01 8.19 -2.79
C GLU A 97 -24.34 6.85 -2.52
N ASP A 98 -24.10 6.05 -3.58
CA ASP A 98 -23.37 4.77 -3.46
C ASP A 98 -21.99 5.03 -2.85
N ALA A 99 -21.29 6.04 -3.35
CA ALA A 99 -19.94 6.37 -2.87
C ALA A 99 -19.95 6.78 -1.41
N ASN A 100 -20.92 7.62 -1.02
CA ASN A 100 -20.98 8.05 0.38
C ASN A 100 -21.31 6.90 1.32
N VAL A 101 -22.19 5.99 0.92
CA VAL A 101 -22.51 4.84 1.75
C VAL A 101 -21.28 3.97 1.95
N PHE A 102 -20.57 3.67 0.87
CA PHE A 102 -19.39 2.83 0.96
C PHE A 102 -18.32 3.50 1.82
N ALA A 103 -18.06 4.77 1.55
CA ALA A 103 -17.04 5.48 2.30
C ALA A 103 -17.34 5.49 3.79
N SER A 104 -18.61 5.75 4.15
N SER A 104 -18.60 5.77 4.15
CA SER A 104 -18.93 5.80 5.57
CA SER A 104 -18.96 5.80 5.56
C SER A 104 -18.76 4.44 6.23
C SER A 104 -18.73 4.44 6.20
N ALA A 105 -19.12 3.36 5.52
CA ALA A 105 -18.90 2.03 6.07
C ALA A 105 -17.43 1.75 6.22
N MET A 106 -16.62 2.13 5.23
CA MET A 106 -15.17 1.93 5.32
C MET A 106 -14.60 2.70 6.52
N MET A 107 -14.98 3.97 6.68
N MET A 107 -14.96 3.97 6.66
CA MET A 107 -14.39 4.76 7.75
CA MET A 107 -14.40 4.76 7.75
C MET A 107 -14.81 4.25 9.11
C MET A 107 -14.79 4.19 9.10
N HIS A 108 -16.04 3.75 9.23
CA HIS A 108 -16.47 3.18 10.49
C HIS A 108 -15.79 1.84 10.73
N ALA A 109 -15.53 1.06 9.67
CA ALA A 109 -14.75 -0.16 9.83
C ALA A 109 -13.36 0.15 10.37
N LEU A 110 -12.71 1.19 9.84
CA LEU A 110 -11.37 1.57 10.29
C LEU A 110 -11.36 1.97 11.76
N GLU A 111 -12.51 2.41 12.27
CA GLU A 111 -12.65 2.76 13.68
C GLU A 111 -12.87 1.54 14.57
N VAL A 112 -13.34 0.42 14.01
CA VAL A 112 -13.54 -0.80 14.78
C VAL A 112 -12.29 -1.68 14.79
N LEU A 113 -11.39 -1.49 13.83
CA LEU A 113 -10.14 -2.28 13.78
C LEU A 113 -9.20 -1.97 14.93
N SER B 2 18.45 -12.68 14.76
CA SER B 2 19.89 -12.54 14.61
C SER B 2 20.46 -13.84 14.06
N MET B 3 20.05 -14.97 14.66
CA MET B 3 20.38 -16.27 14.09
C MET B 3 19.54 -16.57 12.85
N SER B 4 18.24 -16.28 12.90
CA SER B 4 17.35 -16.64 11.82
C SER B 4 17.33 -15.62 10.68
N GLU B 5 18.08 -14.51 10.78
CA GLU B 5 18.05 -13.45 9.78
C GLU B 5 19.46 -13.04 9.39
N GLN B 6 19.64 -12.74 8.10
CA GLN B 6 20.93 -12.34 7.60
C GLN B 6 20.74 -11.04 6.84
N SER B 7 21.65 -10.10 7.08
CA SER B 7 21.64 -8.83 6.38
C SER B 7 22.19 -9.01 4.97
N ILE B 8 21.42 -8.61 3.97
CA ILE B 8 21.89 -8.72 2.59
C ILE B 8 22.35 -7.38 2.03
N CYS B 9 22.19 -6.29 2.78
CA CYS B 9 22.72 -5.01 2.36
C CYS B 9 22.61 -4.05 3.53
N GLN B 10 23.44 -3.02 3.51
CA GLN B 10 23.22 -1.87 4.36
C GLN B 10 23.54 -0.62 3.55
N ALA B 11 22.73 0.42 3.77
CA ALA B 11 22.79 1.63 2.99
C ALA B 11 22.43 2.78 3.90
N ARG B 12 23.05 3.92 3.64
CA ARG B 12 22.84 5.13 4.43
C ARG B 12 21.76 5.97 3.76
N ALA B 13 20.69 6.30 4.50
CA ALA B 13 19.56 7.01 3.94
C ALA B 13 18.81 7.75 5.05
N ALA B 14 18.22 8.88 4.68
CA ALA B 14 17.25 9.57 5.53
C ALA B 14 15.88 8.95 5.25
N VAL B 15 15.31 8.29 6.25
CA VAL B 15 14.07 7.54 6.07
C VAL B 15 12.90 8.48 6.22
N MET B 16 12.00 8.47 5.23
CA MET B 16 10.88 9.40 5.20
C MET B 16 9.59 8.60 5.12
N VAL B 17 8.50 9.18 5.60
CA VAL B 17 7.18 8.62 5.33
C VAL B 17 6.29 9.73 4.79
N TYR B 18 5.30 9.37 3.99
CA TYR B 18 4.44 10.37 3.38
C TYR B 18 3.23 10.64 4.27
N ASP B 19 2.90 11.92 4.45
CA ASP B 19 1.71 12.38 5.18
C ASP B 19 0.58 12.44 4.17
N ASP B 20 -0.30 11.43 4.18
CA ASP B 20 -1.31 11.32 3.14
C ASP B 20 -2.33 12.44 3.22
N ALA B 21 -2.48 13.04 4.38
CA ALA B 21 -3.46 14.11 4.51
C ALA B 21 -2.92 15.40 3.92
N ASN B 22 -1.77 15.85 4.40
CA ASN B 22 -1.27 17.16 3.96
C ASN B 22 -0.31 17.05 2.79
N LYS B 23 -0.09 15.84 2.28
CA LYS B 23 0.63 15.59 1.02
C LYS B 23 2.07 16.10 1.08
N LYS B 24 2.80 15.60 2.05
CA LYS B 24 4.18 16.04 2.22
C LYS B 24 4.99 14.92 2.84
N TRP B 25 6.30 14.95 2.58
CA TRP B 25 7.21 13.98 3.17
C TRP B 25 7.64 14.43 4.55
N VAL B 26 7.65 13.48 5.49
CA VAL B 26 8.05 13.81 6.85
C VAL B 26 9.08 12.80 7.32
N PRO B 27 9.97 13.15 8.23
CA PRO B 27 10.99 12.18 8.64
C PRO B 27 10.38 11.04 9.44
N ALA B 28 10.77 9.81 9.11
CA ALA B 28 10.31 8.67 9.89
C ALA B 28 10.84 8.79 11.30
N GLY B 29 9.93 8.67 12.28
CA GLY B 29 10.30 8.74 13.67
C GLY B 29 10.39 10.14 14.22
N GLY B 30 10.25 11.17 13.39
CA GLY B 30 10.04 12.52 13.83
C GLY B 30 11.19 13.49 13.59
N SER B 31 12.40 13.01 13.32
CA SER B 31 13.50 13.94 13.12
C SER B 31 14.35 13.50 11.94
N THR B 32 14.75 14.47 11.13
CA THR B 32 15.48 14.20 9.89
C THR B 32 16.94 13.93 10.20
N GLY B 33 17.45 12.86 9.63
CA GLY B 33 18.85 12.52 9.76
C GLY B 33 19.09 11.16 9.15
N PHE B 34 20.37 10.80 9.01
CA PHE B 34 20.70 9.56 8.33
C PHE B 34 20.60 8.35 9.24
N SER B 35 20.08 7.28 8.67
CA SER B 35 19.98 5.97 9.28
C SER B 35 20.77 4.95 8.49
N ARG B 36 21.15 3.85 9.15
CA ARG B 36 21.66 2.66 8.49
C ARG B 36 20.50 1.72 8.21
N VAL B 37 20.24 1.46 6.94
CA VAL B 37 19.05 0.73 6.52
C VAL B 37 19.50 -0.59 5.94
N HIS B 38 19.02 -1.69 6.52
CA HIS B 38 19.32 -3.03 6.05
C HIS B 38 18.08 -3.64 5.40
N ILE B 39 18.31 -4.59 4.51
CA ILE B 39 17.32 -5.60 4.20
C ILE B 39 17.77 -6.87 4.88
N TYR B 40 16.89 -7.45 5.67
CA TYR B 40 17.16 -8.69 6.36
C TYR B 40 16.40 -9.82 5.70
N HIS B 41 17.08 -10.93 5.49
CA HIS B 41 16.52 -12.12 4.88
C HIS B 41 16.43 -13.21 5.93
N HIS B 42 15.24 -13.78 6.10
CA HIS B 42 15.02 -14.92 6.98
C HIS B 42 15.04 -16.15 6.09
N THR B 43 16.09 -16.96 6.20
CA THR B 43 16.26 -18.06 5.26
C THR B 43 15.21 -19.15 5.47
N GLY B 44 14.91 -19.49 6.72
CA GLY B 44 13.91 -20.48 7.05
C GLY B 44 12.61 -20.37 6.30
N ASN B 45 11.99 -19.19 6.36
CA ASN B 45 10.71 -18.92 5.72
C ASN B 45 10.83 -18.12 4.43
N ASN B 46 12.03 -17.70 4.07
CA ASN B 46 12.27 -16.91 2.86
C ASN B 46 11.42 -15.63 2.87
N THR B 47 11.54 -14.87 3.95
CA THR B 47 10.89 -13.57 4.07
C THR B 47 11.95 -12.49 4.20
N PHE B 48 11.58 -11.27 3.85
CA PHE B 48 12.47 -10.13 3.87
C PHE B 48 11.79 -8.97 4.59
N ARG B 49 12.60 -8.11 5.22
CA ARG B 49 12.07 -6.89 5.81
C ARG B 49 13.15 -5.81 5.75
N VAL B 50 12.68 -4.56 5.71
CA VAL B 50 13.53 -3.37 5.75
C VAL B 50 13.59 -2.89 7.19
N VAL B 51 14.81 -2.69 7.69
CA VAL B 51 15.01 -2.24 9.06
C VAL B 51 16.06 -1.14 9.08
N GLY B 52 15.72 -0.02 9.69
CA GLY B 52 16.60 1.13 9.72
C GLY B 52 16.69 1.78 11.07
N ARG B 53 17.91 2.13 11.47
CA ARG B 53 18.15 2.76 12.76
C ARG B 53 18.93 4.04 12.53
N LYS B 54 18.50 5.11 13.20
CA LYS B 54 19.22 6.39 13.14
C LYS B 54 20.67 6.19 13.60
N ILE B 55 21.62 6.73 12.82
CA ILE B 55 23.03 6.55 13.13
C ILE B 55 23.37 7.20 14.48
N GLN B 56 22.82 8.39 14.73
CA GLN B 56 23.23 9.15 15.90
C GLN B 56 22.80 8.48 17.20
N ASP B 57 21.55 7.98 17.27
CA ASP B 57 21.03 7.50 18.54
C ASP B 57 20.35 6.14 18.43
N HIS B 58 20.45 5.49 17.28
CA HIS B 58 19.96 4.13 17.10
C HIS B 58 18.45 3.99 17.25
N GLN B 59 17.70 5.08 17.13
CA GLN B 59 16.24 4.99 17.05
C GLN B 59 15.82 4.14 15.86
N VAL B 60 14.94 3.17 16.09
CA VAL B 60 14.38 2.37 15.00
C VAL B 60 13.34 3.22 14.27
N VAL B 61 13.59 3.52 12.99
CA VAL B 61 12.71 4.41 12.26
C VAL B 61 11.93 3.70 11.17
N ILE B 62 12.30 2.46 10.82
CA ILE B 62 11.57 1.68 9.84
C ILE B 62 11.80 0.21 10.15
N ASN B 63 10.75 -0.57 10.01
CA ASN B 63 10.77 -2.00 10.25
C ASN B 63 9.55 -2.53 9.51
N CYS B 64 9.69 -2.79 8.22
CA CYS B 64 8.56 -3.12 7.38
C CYS B 64 8.87 -4.33 6.52
N ALA B 65 7.84 -5.17 6.32
CA ALA B 65 7.97 -6.37 5.53
C ALA B 65 8.09 -6.02 4.06
N ILE B 66 8.74 -6.90 3.31
CA ILE B 66 8.78 -6.80 1.86
C ILE B 66 7.93 -7.96 1.32
N PRO B 67 6.67 -7.73 0.97
CA PRO B 67 5.83 -8.82 0.47
C PRO B 67 6.08 -9.10 -1.00
N LYS B 68 5.82 -10.33 -1.40
CA LYS B 68 5.89 -10.69 -2.81
C LYS B 68 4.99 -9.76 -3.62
N GLY B 69 5.53 -9.29 -4.74
CA GLY B 69 4.83 -8.41 -5.63
C GLY B 69 4.93 -6.93 -5.31
N LEU B 70 5.62 -6.56 -4.26
CA LEU B 70 5.82 -5.15 -3.94
C LEU B 70 6.33 -4.39 -5.16
N LYS B 71 5.76 -3.21 -5.37
CA LYS B 71 6.20 -2.30 -6.42
C LYS B 71 7.17 -1.29 -5.82
N TYR B 72 8.43 -1.34 -6.25
CA TYR B 72 9.49 -0.47 -5.77
C TYR B 72 9.82 0.58 -6.83
N ASN B 73 9.65 1.85 -6.47
CA ASN B 73 9.78 2.97 -7.40
C ASN B 73 11.08 3.71 -7.18
N GLN B 74 11.91 3.76 -8.22
CA GLN B 74 13.14 4.55 -8.15
C GLN B 74 12.83 5.91 -8.77
N ALA B 75 12.34 6.84 -7.96
CA ALA B 75 11.93 8.12 -8.50
C ALA B 75 13.11 8.90 -9.06
N THR B 76 14.23 8.89 -8.34
CA THR B 76 15.46 9.54 -8.75
C THR B 76 16.63 8.66 -8.35
N GLN B 77 17.84 9.10 -8.71
CA GLN B 77 19.03 8.36 -8.38
C GLN B 77 19.24 8.25 -6.89
N THR B 78 18.66 9.14 -6.09
CA THR B 78 18.84 9.06 -4.64
C THR B 78 17.55 9.07 -3.83
N PHE B 79 16.39 8.93 -4.47
CA PHE B 79 15.14 8.81 -3.71
C PHE B 79 14.32 7.67 -4.28
N HIS B 80 14.10 6.63 -3.47
CA HIS B 80 13.31 5.47 -3.86
C HIS B 80 12.18 5.30 -2.85
N GLN B 81 11.11 4.61 -3.26
CA GLN B 81 9.93 4.59 -2.41
C GLN B 81 9.09 3.36 -2.70
N TRP B 82 8.23 3.03 -1.74
CA TRP B 82 7.25 1.94 -1.89
C TRP B 82 6.12 2.19 -0.90
N ARG B 83 5.05 1.41 -1.01
CA ARG B 83 3.87 1.69 -0.19
C ARG B 83 3.32 0.45 0.52
N ASP B 84 2.54 0.72 1.57
CA ASP B 84 1.56 -0.24 2.08
C ASP B 84 0.24 0.50 2.28
N ALA B 85 -0.75 -0.16 2.85
CA ALA B 85 -2.07 0.47 2.97
C ALA B 85 -2.01 1.71 3.82
N ARG B 86 -1.13 1.75 4.81
CA ARG B 86 -1.10 2.82 5.80
C ARG B 86 -0.24 4.01 5.39
N GLN B 87 0.84 3.79 4.64
CA GLN B 87 1.70 4.92 4.31
C GLN B 87 2.63 4.54 3.16
N VAL B 88 3.26 5.56 2.62
CA VAL B 88 4.33 5.42 1.63
C VAL B 88 5.65 5.69 2.33
N TYR B 89 6.62 4.81 2.09
CA TYR B 89 7.97 4.91 2.59
C TYR B 89 8.87 5.50 1.52
N GLY B 90 9.83 6.34 1.93
CA GLY B 90 10.76 6.91 1.00
C GLY B 90 12.14 6.88 1.60
N LEU B 91 13.15 6.54 0.82
CA LEU B 91 14.53 6.57 1.27
C LEU B 91 15.29 7.63 0.50
N ASN B 92 15.81 8.60 1.22
CA ASN B 92 16.59 9.68 0.65
C ASN B 92 18.05 9.31 0.91
N PHE B 93 18.65 8.65 -0.06
CA PHE B 93 19.95 8.05 0.14
C PHE B 93 21.04 9.10 0.29
N GLY B 94 22.09 8.74 1.04
CA GLY B 94 23.18 9.68 1.22
C GLY B 94 24.11 9.81 0.04
N SER B 95 24.06 8.86 -0.89
CA SER B 95 24.87 8.86 -2.11
C SER B 95 24.18 7.98 -3.15
N LYS B 96 24.57 8.16 -4.41
CA LYS B 96 24.06 7.27 -5.45
C LYS B 96 24.48 5.83 -5.19
N GLU B 97 25.68 5.66 -4.62
CA GLU B 97 26.17 4.34 -4.25
C GLU B 97 25.25 3.65 -3.24
N ASP B 98 24.80 4.38 -2.22
CA ASP B 98 23.88 3.79 -1.27
C ASP B 98 22.59 3.34 -1.96
N ALA B 99 22.06 4.17 -2.86
CA ALA B 99 20.85 3.81 -3.59
C ALA B 99 21.03 2.56 -4.43
N ASN B 100 22.18 2.41 -5.11
CA ASN B 100 22.40 1.22 -5.93
C ASN B 100 22.46 -0.06 -5.10
N VAL B 101 23.13 0.01 -3.95
CA VAL B 101 23.27 -1.15 -3.08
C VAL B 101 21.91 -1.58 -2.55
N PHE B 102 21.14 -0.64 -2.03
CA PHE B 102 19.82 -0.99 -1.50
C PHE B 102 18.90 -1.50 -2.60
N ALA B 103 18.84 -0.76 -3.72
CA ALA B 103 17.92 -1.11 -4.79
C ALA B 103 18.23 -2.47 -5.38
N SER B 104 19.52 -2.80 -5.52
CA SER B 104 19.86 -4.08 -6.13
C SER B 104 19.46 -5.23 -5.19
N ALA B 105 19.62 -5.01 -3.88
CA ALA B 105 19.19 -6.00 -2.89
C ALA B 105 17.66 -6.12 -2.85
N MET B 106 16.94 -5.00 -2.96
CA MET B 106 15.48 -5.02 -3.02
C MET B 106 14.99 -5.82 -4.21
N MET B 107 15.54 -5.54 -5.39
CA MET B 107 15.06 -6.24 -6.57
C MET B 107 15.43 -7.72 -6.53
N HIS B 108 16.55 -8.06 -5.90
CA HIS B 108 16.86 -9.46 -5.72
C HIS B 108 15.84 -10.13 -4.80
N ALA B 109 15.46 -9.47 -3.71
CA ALA B 109 14.48 -10.05 -2.80
C ALA B 109 13.16 -10.29 -3.52
N LEU B 110 12.69 -9.30 -4.29
CA LEU B 110 11.43 -9.44 -4.99
C LEU B 110 11.47 -10.59 -5.99
N GLU B 111 12.65 -10.90 -6.55
CA GLU B 111 12.75 -11.93 -7.57
C GLU B 111 12.81 -13.33 -6.98
N VAL B 112 13.21 -13.49 -5.72
CA VAL B 112 13.25 -14.83 -5.12
C VAL B 112 12.07 -15.09 -4.21
N LEU B 113 11.30 -14.06 -3.87
CA LEU B 113 10.13 -14.25 -3.02
C LEU B 113 9.12 -15.15 -3.73
C ACE C 1 -0.62 8.22 -2.75
O ACE C 1 -0.62 7.00 -2.63
CH3 ACE C 1 0.22 9.08 -1.83
H1 ACE C 1 1.12 8.55 -1.54
H2 ACE C 1 -0.37 9.33 -0.94
H3 ACE C 1 0.49 10.00 -2.35
CL 2L5 C 2 -4.24 5.38 -3.46
C15 2L5 C 2 -4.21 6.65 -2.31
C19 2L5 C 2 -4.42 6.28 -0.98
C18 2L5 C 2 -4.38 7.25 0.01
C17 2L5 C 2 -4.18 8.58 -0.31
C16 2L5 C 2 -3.97 8.93 -1.64
C14 2L5 C 2 -3.97 7.96 -2.65
C13 2L5 C 2 -3.76 8.38 -4.01
CA 2L5 C 2 -2.27 8.19 -4.50
N 2L5 C 2 -1.36 8.90 -3.60
C 2L5 C 2 -2.16 8.81 -5.90
O 2L5 C 2 -2.02 10.02 -6.09
H1 2L5 C 2 -4.59 5.23 -0.72
H20 2L5 C 2 -4.57 6.97 1.05
H3 2L5 C 2 -4.17 9.33 0.48
H4 2L5 C 2 -3.80 9.97 -1.90
H5 2L5 C 2 -4.40 7.80 -4.68
H6 2L5 C 2 -4.01 9.43 -4.11
HA 2L5 C 2 -2.01 7.14 -4.52
H 2L5 C 2 -1.34 9.90 -3.62
N PRO C 3 -2.36 7.95 -6.91
CA PRO C 3 -2.32 8.48 -8.32
C PRO C 3 -3.54 9.14 -8.62
N PRO C 4 -3.52 9.99 -9.65
CA PRO C 4 -4.79 10.71 -10.00
C PRO C 4 -5.70 9.90 -10.74
N 8SN C 5 -6.98 10.33 -10.77
C22 8SN C 5 -7.69 11.53 -10.11
C23 8SN C 5 -9.07 11.03 -9.92
C8 8SN C 5 -9.28 10.46 -11.32
CA 8SN C 5 -8.05 9.58 -11.48
C25 8SN C 5 -7.86 9.38 -12.88
O7 8SN C 5 -6.97 9.97 -13.53
C7 8SN C 5 -10.45 9.69 -11.40
C6 8SN C 5 -10.65 8.54 -12.13
C5 8SN C 5 -9.75 7.87 -13.00
C4 8SN C 5 -10.50 7.34 -14.24
C3 8SN C 5 -9.39 7.12 -15.20
C2 8SN C 5 -8.58 8.40 -15.12
N1 8SN C 5 -8.68 8.68 -13.62
C 8SN C 5 -9.03 9.48 -15.94
O 8SN C 5 -9.85 10.30 -15.52
C47 8SN C 5 -11.23 6.02 -13.92
OXT 8SN C 5 -8.46 9.60 -17.06
H96 8SN C 5 -7.23 11.82 -9.16
H97 8SN C 5 -7.68 12.36 -10.80
H23 8SN C 5 -9.79 11.80 -9.63
H95 8SN C 5 -9.08 10.21 -9.20
H8 8SN C 5 -9.24 11.29 -12.03
HA 8SN C 5 -8.25 8.66 -10.93
H7 8SN C 5 -11.29 10.04 -10.79
H6 8SN C 5 -11.65 8.10 -12.05
H5 8SN C 5 -9.24 7.03 -12.50
H41 8SN C 5 -11.15 8.11 -14.65
H32 8SN C 5 -8.78 6.34 -14.75
H31 8SN C 5 -9.66 6.82 -16.21
H22 8SN C 5 -7.56 8.20 -15.43
H47 8SN C 5 -10.50 5.29 -13.54
H93 8SN C 5 -11.68 5.63 -14.83
H94 8SN C 5 -12.00 6.19 -13.17
C ACE D 1 1.82 5.28 -6.95
O ACE D 1 1.71 4.65 -5.90
CH3 ACE D 1 1.04 4.86 -8.18
H1 ACE D 1 0.11 4.40 -7.88
H2 ACE D 1 1.64 4.17 -8.76
H3 ACE D 1 0.83 5.76 -8.79
CL 2L5 D 2 5.15 4.66 -3.86
C15 2L5 D 2 5.17 4.11 -5.47
C19 2L5 D 2 5.30 2.73 -5.67
C18 2L5 D 2 5.32 2.24 -6.97
C17 2L5 D 2 5.22 3.14 -8.03
C16 2L5 D 2 5.08 4.49 -7.82
C14 2L5 D 2 5.04 5.01 -6.53
C13 2L5 D 2 4.91 6.40 -6.32
CA 2L5 D 2 3.45 6.85 -6.04
N 2L5 D 2 2.59 6.37 -7.11
C 2L5 D 2 3.41 8.38 -6.07
O 2L5 D 2 3.31 8.99 -7.15
H1 2L5 D 2 5.39 2.04 -4.82
H20 2L5 D 2 5.43 1.17 -7.16
H3 2L5 D 2 5.22 2.76 -9.06
H4 2L5 D 2 4.98 5.17 -8.66
H5 2L5 D 2 5.26 6.91 -7.22
H6 2L5 D 2 5.53 6.70 -5.48
HA 2L5 D 2 3.09 6.47 -5.08
H 2L5 D 2 2.64 6.82 -8.01
N PRO D 3 3.56 8.99 -4.89
CA PRO D 3 3.62 10.47 -4.80
C PRO D 3 4.91 10.93 -5.18
N PRO D 4 5.01 12.18 -5.61
CA PRO D 4 6.36 12.69 -6.00
C PRO D 4 7.21 13.00 -4.92
N 8SN D 5 8.53 13.10 -5.23
C22 8SN D 5 9.30 12.83 -6.50
C23 8SN D 5 10.67 12.40 -6.00
C8 8SN D 5 10.87 13.50 -5.02
CA 8SN D 5 9.54 13.43 -4.24
C25 8SN D 5 9.38 14.67 -3.58
O7 8SN D 5 8.61 15.55 -4.01
C7 8SN D 5 11.96 13.28 -4.17
C6 8SN D 5 12.07 13.53 -2.82
C5 8SN D 5 11.11 14.10 -1.94
C4 8SN D 5 11.76 15.03 -0.93
C3 8SN D 5 10.64 15.90 -0.50
C2 8SN D 5 10.07 16.32 -1.86
N1 8SN D 5 10.13 15.00 -2.58
C 8SN D 5 10.80 17.33 -2.54
O 8SN D 5 10.60 18.50 -2.16
C47 8SN D 5 12.30 14.19 0.24
OXT 8SN D 5 11.52 17.02 -3.55
H96 8SN D 5 8.84 12.04 -7.12
H97 8SN D 5 9.39 13.75 -7.06
H23 8SN D 5 11.44 12.33 -6.76
H95 8SN D 5 10.58 11.46 -5.45
H8 8SN D 5 10.92 14.45 -5.56
HA 8SN D 5 9.62 12.58 -3.56
H7 8SN D 5 12.83 12.83 -4.64
H6 8SN D 5 13.02 13.28 -2.36
H5 8SN D 5 10.52 13.36 -1.41
H41 8SN D 5 12.51 15.65 -1.41
H32 8SN D 5 9.90 15.26 -0.02
H31 8SN D 5 10.89 16.73 0.16
H22 8SN D 5 9.06 16.69 -1.74
H47 8SN D 5 11.49 13.60 0.67
H93 8SN D 5 12.72 14.85 1.00
H94 8SN D 5 13.08 13.52 -0.13
BR BR E . -14.89 -9.60 16.34
#